data_3WFG
#
_entry.id   3WFG
#
_cell.length_a   58.403
_cell.length_b   66.813
_cell.length_c   75.252
_cell.angle_alpha   90.00
_cell.angle_beta   90.00
_cell.angle_gamma   90.00
#
_symmetry.space_group_name_H-M   'P 21 21 21'
#
loop_
_entity.id
_entity.type
_entity.pdbx_description
1 polymer 'Mineralocorticoid receptor'
2 non-polymer 6-[(2S)-4-(4-fluorophenyl)-2-methyl-5-oxo-2,5-dihydrofuran-3-yl]-2H-1,4-benzoxazin-3(4H)-one
3 non-polymer 1,2-ETHANEDIOL
4 water water
#
_entity_poly.entity_id   1
_entity_poly.type   'polypeptide(L)'
_entity_poly.pdbx_seq_one_letter_code
;GSAPAKEPSVNTALVPQLSTISRALTPSPVMVLENIEPEIVYAGYDSSKPDTAENLLSTLNRLAGKQMIQVVKWAKVLPG
FKNLPLEDQITLIQYSWMSLLSFALSWRSYKHTNSQFLYFAPDLVFNEEKMHQSAMYELCQGMHQISLQFVRLQLTFEEY
TIMKVLLLLSTIPKDGLKSQAAFEEMRTNYIKELRKMVTKCPNNSGQSWQRFYQLTKLLDSMHDLVSDLLEFCFYTFRES
HALKVEFPAMLVEIISDQLPKVESGNVKPLYFHRK
;
_entity_poly.pdbx_strand_id   A
#
# COMPACT_ATOMS: atom_id res chain seq x y z
N THR A 26 -0.88 -27.66 6.61
CA THR A 26 0.41 -27.97 5.90
C THR A 26 1.04 -26.79 5.13
N PRO A 27 0.24 -25.88 4.52
CA PRO A 27 0.93 -24.80 3.79
C PRO A 27 1.59 -23.80 4.72
N SER A 28 2.74 -23.28 4.29
CA SER A 28 3.44 -22.22 5.03
C SER A 28 2.69 -20.90 4.90
N PRO A 29 2.94 -19.95 5.82
CA PRO A 29 2.38 -18.61 5.64
C PRO A 29 2.65 -18.02 4.25
N VAL A 30 3.85 -18.19 3.70
CA VAL A 30 4.16 -17.70 2.36
C VAL A 30 3.27 -18.32 1.24
N MET A 31 3.04 -19.62 1.34
CA MET A 31 2.14 -20.29 0.41
C MET A 31 0.72 -19.74 0.52
N VAL A 32 0.27 -19.50 1.75
CA VAL A 32 -1.04 -18.93 1.97
C VAL A 32 -1.10 -17.52 1.37
N LEU A 33 -0.05 -16.72 1.58
CA LEU A 33 -0.02 -15.36 1.02
C LEU A 33 -0.17 -15.36 -0.50
N GLU A 34 0.41 -16.34 -1.19
CA GLU A 34 0.28 -16.41 -2.66
C GLU A 34 -1.18 -16.74 -3.02
N ASN A 35 -1.78 -17.67 -2.28
CA ASN A 35 -3.13 -18.13 -2.55
C ASN A 35 -4.17 -17.03 -2.36
N ILE A 36 -3.95 -16.16 -1.37
CA ILE A 36 -4.94 -15.14 -1.01
C ILE A 36 -4.68 -13.79 -1.70
N GLU A 37 -3.57 -13.67 -2.43
CA GLU A 37 -3.27 -12.37 -3.10
C GLU A 37 -4.44 -11.99 -4.03
N PRO A 38 -4.98 -10.76 -3.91
CA PRO A 38 -6.09 -10.38 -4.78
C PRO A 38 -5.73 -10.44 -6.26
N GLU A 39 -6.69 -10.89 -7.08
CA GLU A 39 -6.58 -10.84 -8.53
C GLU A 39 -6.59 -9.38 -8.99
N ILE A 40 -5.94 -9.11 -10.13
CA ILE A 40 -5.88 -7.76 -10.71
C ILE A 40 -7.29 -7.39 -11.20
N VAL A 41 -7.69 -6.16 -10.90
CA VAL A 41 -9.00 -5.63 -11.33
C VAL A 41 -8.86 -4.47 -12.29
N TYR A 42 -9.93 -4.23 -13.04
CA TYR A 42 -10.03 -3.14 -14.00
C TYR A 42 -10.61 -1.92 -13.36
N ALA A 43 -10.22 -0.76 -13.87
CA ALA A 43 -10.69 0.52 -13.38
C ALA A 43 -12.01 0.99 -13.94
N GLY A 44 -12.45 0.41 -15.06
CA GLY A 44 -13.61 0.96 -15.78
C GLY A 44 -13.28 2.28 -16.47
N TYR A 45 -12.04 2.43 -16.95
CA TYR A 45 -11.63 3.65 -17.66
C TYR A 45 -12.50 3.82 -18.91
N ASP A 46 -13.06 5.01 -19.07
CA ASP A 46 -13.99 5.32 -20.16
C ASP A 46 -13.29 6.22 -21.19
N SER A 47 -12.93 5.63 -22.32
CA SER A 47 -12.24 6.36 -23.39
C SER A 47 -13.10 7.39 -24.13
N SER A 48 -14.41 7.42 -23.85
CA SER A 48 -15.30 8.44 -24.44
C SER A 48 -15.30 9.75 -23.63
N LYS A 49 -14.60 9.78 -22.50
CA LYS A 49 -14.54 10.99 -21.68
C LYS A 49 -13.11 11.58 -21.74
N PRO A 50 -12.99 12.91 -21.61
CA PRO A 50 -11.68 13.55 -21.64
C PRO A 50 -10.84 13.26 -20.40
N ASP A 51 -9.53 13.27 -20.58
CA ASP A 51 -8.57 13.03 -19.49
C ASP A 51 -8.32 14.30 -18.68
N THR A 52 -9.38 14.86 -18.13
CA THR A 52 -9.28 15.93 -17.17
C THR A 52 -8.82 15.35 -15.83
N ALA A 53 -8.28 16.20 -14.97
CA ALA A 53 -7.88 15.74 -13.64
C ALA A 53 -9.09 15.19 -12.87
N GLU A 54 -10.24 15.82 -13.03
CA GLU A 54 -11.43 15.42 -12.32
C GLU A 54 -11.87 14.02 -12.77
N ASN A 55 -11.84 13.75 -14.08
CA ASN A 55 -12.21 12.42 -14.57
C ASN A 55 -11.19 11.35 -14.18
N LEU A 56 -9.90 11.66 -14.32
CA LEU A 56 -8.85 10.71 -13.94
C LEU A 56 -8.89 10.39 -12.45
N LEU A 57 -8.97 11.41 -11.61
CA LEU A 57 -9.00 11.16 -10.15
C LEU A 57 -10.26 10.41 -9.75
N SER A 58 -11.41 10.75 -10.33
CA SER A 58 -12.66 10.02 -10.00
C SER A 58 -12.53 8.54 -10.41
N THR A 59 -11.96 8.28 -11.58
CA THR A 59 -11.71 6.90 -12.03
C THR A 59 -10.76 6.16 -11.09
N LEU A 60 -9.66 6.81 -10.72
CA LEU A 60 -8.72 6.21 -9.78
C LEU A 60 -9.37 5.93 -8.44
N ASN A 61 -10.22 6.83 -7.97
CA ASN A 61 -10.89 6.63 -6.69
C ASN A 61 -11.84 5.42 -6.74
N ARG A 62 -12.56 5.24 -7.84
CA ARG A 62 -13.40 4.04 -7.99
C ARG A 62 -12.57 2.77 -8.03
N LEU A 63 -11.49 2.79 -8.79
CA LEU A 63 -10.54 1.68 -8.80
C LEU A 63 -10.07 1.32 -7.38
N ALA A 64 -9.62 2.33 -6.64
CA ALA A 64 -9.15 2.12 -5.29
C ALA A 64 -10.25 1.60 -4.38
N GLY A 65 -11.48 2.02 -4.58
CA GLY A 65 -12.58 1.48 -3.82
C GLY A 65 -12.73 -0.03 -4.06
N LYS A 66 -12.68 -0.43 -5.32
CA LYS A 66 -12.80 -1.85 -5.69
C LYS A 66 -11.63 -2.64 -5.07
N GLN A 67 -10.42 -2.09 -5.14
CA GLN A 67 -9.24 -2.72 -4.57
C GLN A 67 -9.36 -2.82 -3.07
N MET A 68 -9.90 -1.80 -2.41
CA MET A 68 -10.05 -1.85 -0.94
C MET A 68 -11.06 -2.90 -0.46
N ILE A 69 -12.12 -3.12 -1.22
CA ILE A 69 -13.04 -4.19 -0.88
C ILE A 69 -12.27 -5.54 -0.94
N GLN A 70 -11.40 -5.69 -1.94
CA GLN A 70 -10.53 -6.88 -2.00
C GLN A 70 -9.58 -6.94 -0.79
N VAL A 71 -9.00 -5.81 -0.41
CA VAL A 71 -8.09 -5.80 0.74
C VAL A 71 -8.80 -6.29 2.01
N VAL A 72 -10.05 -5.88 2.24
CA VAL A 72 -10.78 -6.35 3.42
C VAL A 72 -10.96 -7.88 3.38
N LYS A 73 -11.29 -8.42 2.22
CA LYS A 73 -11.46 -9.88 2.10
C LYS A 73 -10.14 -10.62 2.31
N TRP A 74 -9.07 -10.05 1.79
CA TRP A 74 -7.70 -10.57 1.98
C TRP A 74 -7.34 -10.59 3.44
N ALA A 75 -7.61 -9.48 4.14
CA ALA A 75 -7.26 -9.37 5.54
C ALA A 75 -7.96 -10.42 6.41
N LYS A 76 -9.18 -10.80 6.02
CA LYS A 76 -9.95 -11.80 6.77
C LYS A 76 -9.22 -13.14 6.82
N VAL A 77 -8.48 -13.48 5.76
CA VAL A 77 -7.80 -14.79 5.66
C VAL A 77 -6.27 -14.69 5.74
N LEU A 78 -5.76 -13.54 6.16
CA LEU A 78 -4.35 -13.32 6.30
C LEU A 78 -3.84 -14.04 7.56
N PRO A 79 -2.81 -14.92 7.44
CA PRO A 79 -2.40 -15.66 8.64
C PRO A 79 -2.04 -14.78 9.83
N GLY A 80 -2.67 -15.07 10.97
CA GLY A 80 -2.45 -14.32 12.21
C GLY A 80 -3.39 -13.14 12.43
N PHE A 81 -3.96 -12.58 11.37
CA PHE A 81 -4.68 -11.29 11.55
C PHE A 81 -5.96 -11.45 12.38
N LYS A 82 -6.62 -12.60 12.25
CA LYS A 82 -7.85 -12.85 13.00
C LYS A 82 -7.63 -12.95 14.51
N ASN A 83 -6.38 -13.11 14.93
CA ASN A 83 -6.05 -13.17 16.35
C ASN A 83 -5.91 -11.79 17.00
N LEU A 84 -5.97 -10.74 16.20
CA LEU A 84 -6.07 -9.39 16.78
C LEU A 84 -7.54 -9.08 17.01
N PRO A 85 -7.85 -8.25 18.01
CA PRO A 85 -9.22 -7.78 18.16
C PRO A 85 -9.77 -7.21 16.86
N LEU A 86 -11.06 -7.43 16.60
CA LEU A 86 -11.67 -6.94 15.37
C LEU A 86 -11.46 -5.42 15.22
N GLU A 87 -11.64 -4.68 16.31
CA GLU A 87 -11.44 -3.22 16.23
C GLU A 87 -10.03 -2.84 15.77
N ASP A 88 -9.04 -3.62 16.19
CA ASP A 88 -7.66 -3.42 15.75
C ASP A 88 -7.43 -3.77 14.27
N GLN A 89 -8.09 -4.84 13.81
CA GLN A 89 -8.04 -5.18 12.38
C GLN A 89 -8.54 -4.03 11.49
N ILE A 90 -9.69 -3.48 11.88
CA ILE A 90 -10.30 -2.36 11.16
C ILE A 90 -9.36 -1.15 11.22
N THR A 91 -8.88 -0.82 12.43
CA THR A 91 -7.96 0.30 12.59
C THR A 91 -6.74 0.16 11.70
N LEU A 92 -6.13 -1.03 11.67
CA LEU A 92 -4.90 -1.20 10.90
C LEU A 92 -5.10 -1.07 9.40
N ILE A 93 -6.23 -1.57 8.89
CA ILE A 93 -6.59 -1.36 7.50
C ILE A 93 -6.74 0.15 7.20
N GLN A 94 -7.45 0.87 8.08
CA GLN A 94 -7.67 2.30 7.88
C GLN A 94 -6.40 3.13 8.02
N TYR A 95 -5.45 2.65 8.82
CA TYR A 95 -4.17 3.36 9.00
C TYR A 95 -3.14 3.04 7.91
N SER A 96 -3.38 1.99 7.11
CA SER A 96 -2.39 1.54 6.10
C SER A 96 -2.88 1.49 4.66
N TRP A 97 -4.17 1.77 4.42
CA TRP A 97 -4.74 1.50 3.09
C TRP A 97 -3.94 2.09 1.95
N MET A 98 -3.50 3.33 2.08
CA MET A 98 -2.78 3.99 1.01
C MET A 98 -1.39 3.37 0.79
N SER A 99 -0.78 2.86 1.86
CA SER A 99 0.46 2.15 1.75
CA SER A 99 0.48 2.11 1.77
C SER A 99 0.27 0.82 1.02
N LEU A 100 -0.80 0.11 1.34
CA LEU A 100 -1.09 -1.19 0.70
C LEU A 100 -1.33 -0.97 -0.79
N LEU A 101 -2.14 0.01 -1.12
CA LEU A 101 -2.44 0.26 -2.54
C LEU A 101 -1.20 0.68 -3.31
N SER A 102 -0.40 1.58 -2.71
CA SER A 102 0.79 2.09 -3.35
C SER A 102 1.83 0.98 -3.58
N PHE A 103 1.98 0.10 -2.60
CA PHE A 103 2.93 -0.97 -2.70
C PHE A 103 2.50 -1.96 -3.78
N ALA A 104 1.20 -2.29 -3.82
CA ALA A 104 0.68 -3.15 -4.89
C ALA A 104 0.82 -2.51 -6.27
N LEU A 105 0.57 -1.21 -6.36
CA LEU A 105 0.82 -0.45 -7.59
C LEU A 105 2.26 -0.59 -8.05
N SER A 106 3.21 -0.42 -7.15
CA SER A 106 4.63 -0.57 -7.50
CA SER A 106 4.63 -0.58 -7.48
C SER A 106 4.93 -1.99 -8.02
N TRP A 107 4.39 -3.00 -7.34
CA TRP A 107 4.56 -4.38 -7.81
C TRP A 107 3.99 -4.58 -9.21
N ARG A 108 2.75 -4.16 -9.45
CA ARG A 108 2.16 -4.36 -10.78
C ARG A 108 2.96 -3.62 -11.83
N SER A 109 3.43 -2.43 -11.51
CA SER A 109 4.23 -1.63 -12.44
C SER A 109 5.54 -2.36 -12.81
N TYR A 110 6.20 -2.92 -11.80
CA TYR A 110 7.42 -3.71 -11.96
C TYR A 110 7.18 -4.96 -12.78
N LYS A 111 6.18 -5.74 -12.39
CA LYS A 111 5.94 -7.04 -13.02
C LYS A 111 5.48 -6.88 -14.44
N HIS A 112 4.55 -5.95 -14.70
CA HIS A 112 3.89 -5.88 -16.00
C HIS A 112 4.51 -4.88 -16.97
N THR A 113 5.32 -3.95 -16.50
CA THR A 113 5.98 -2.99 -17.40
C THR A 113 7.46 -2.81 -17.14
N ASN A 114 8.05 -3.62 -16.26
CA ASN A 114 9.42 -3.40 -15.80
C ASN A 114 9.66 -1.98 -15.30
N SER A 115 8.64 -1.43 -14.62
CA SER A 115 8.67 -0.10 -14.03
C SER A 115 8.86 1.04 -15.02
N GLN A 116 8.38 0.85 -16.25
CA GLN A 116 8.38 1.91 -17.25
C GLN A 116 7.17 2.82 -17.09
N PHE A 117 6.07 2.27 -16.60
CA PHE A 117 4.81 3.00 -16.39
C PHE A 117 4.25 2.71 -15.01
N LEU A 118 3.25 3.50 -14.59
CA LEU A 118 2.50 3.19 -13.39
C LEU A 118 1.25 2.41 -13.79
N TYR A 119 1.25 1.12 -13.48
CA TYR A 119 0.21 0.20 -13.92
C TYR A 119 -0.88 0.12 -12.85
N PHE A 120 -1.75 1.13 -12.81
CA PHE A 120 -2.88 1.09 -11.88
C PHE A 120 -3.80 -0.11 -12.12
N ALA A 121 -4.05 -0.38 -13.39
CA ALA A 121 -4.95 -1.46 -13.84
C ALA A 121 -4.65 -1.71 -15.31
N PRO A 122 -5.11 -2.86 -15.85
CA PRO A 122 -4.83 -3.06 -17.29
C PRO A 122 -5.36 -1.96 -18.23
N ASP A 123 -6.45 -1.33 -17.83
CA ASP A 123 -7.09 -0.23 -18.57
C ASP A 123 -6.74 1.14 -18.00
N LEU A 124 -5.77 1.22 -17.10
CA LEU A 124 -5.37 2.50 -16.52
C LEU A 124 -3.86 2.51 -16.24
N VAL A 125 -3.10 2.83 -17.27
CA VAL A 125 -1.63 2.80 -17.25
C VAL A 125 -1.13 4.22 -17.47
N PHE A 126 -0.40 4.76 -16.51
CA PHE A 126 0.05 6.16 -16.57
C PHE A 126 1.45 6.23 -17.14
N ASN A 127 1.59 7.04 -18.19
CA ASN A 127 2.86 7.55 -18.65
C ASN A 127 3.02 8.97 -18.09
N GLU A 128 4.09 9.67 -18.47
CA GLU A 128 4.29 11.03 -17.99
C GLU A 128 3.11 11.98 -18.29
N GLU A 129 2.53 11.85 -19.47
CA GLU A 129 1.37 12.67 -19.81
C GLU A 129 0.22 12.50 -18.82
N LYS A 130 -0.11 11.25 -18.49
CA LYS A 130 -1.18 10.98 -17.53
C LYS A 130 -0.83 11.48 -16.14
N MET A 131 0.44 11.38 -15.78
CA MET A 131 0.92 11.92 -14.49
C MET A 131 0.63 13.43 -14.40
N HIS A 132 0.92 14.16 -15.47
CA HIS A 132 0.53 15.58 -15.51
C HIS A 132 -0.97 15.82 -15.52
N GLN A 133 -1.70 15.08 -16.34
CA GLN A 133 -3.14 15.28 -16.51
C GLN A 133 -3.91 15.04 -15.21
N SER A 134 -3.41 14.11 -14.39
CA SER A 134 -4.03 13.78 -13.11
C SER A 134 -3.90 14.86 -12.03
N ALA A 135 -3.06 15.85 -12.27
CA ALA A 135 -2.71 16.90 -11.31
C ALA A 135 -1.88 16.35 -10.13
N MET A 136 -1.22 15.20 -10.33
CA MET A 136 -0.45 14.54 -9.28
C MET A 136 0.94 14.14 -9.79
N TYR A 137 1.53 14.95 -10.67
CA TYR A 137 2.82 14.59 -11.26
C TYR A 137 3.91 14.23 -10.23
N GLU A 138 4.17 15.11 -9.27
CA GLU A 138 5.26 14.86 -8.33
C GLU A 138 4.97 13.65 -7.43
N LEU A 139 3.71 13.47 -7.05
CA LEU A 139 3.35 12.31 -6.22
C LEU A 139 3.60 11.03 -7.02
N CYS A 140 3.17 11.01 -8.27
CA CYS A 140 3.42 9.85 -9.13
C CYS A 140 4.90 9.60 -9.35
N GLN A 141 5.69 10.67 -9.48
CA GLN A 141 7.14 10.51 -9.62
C GLN A 141 7.75 9.82 -8.40
N GLY A 142 7.29 10.16 -7.20
CA GLY A 142 7.76 9.51 -5.97
C GLY A 142 7.46 8.02 -5.99
N MET A 143 6.25 7.67 -6.42
CA MET A 143 5.87 6.26 -6.53
C MET A 143 6.69 5.51 -7.57
N HIS A 144 6.90 6.16 -8.70
CA HIS A 144 7.73 5.60 -9.76
C HIS A 144 9.13 5.27 -9.23
N GLN A 145 9.68 6.11 -8.37
CA GLN A 145 10.99 5.81 -7.78
C GLN A 145 11.01 4.51 -6.96
N ILE A 146 9.95 4.23 -6.20
CA ILE A 146 9.82 2.95 -5.50
C ILE A 146 9.81 1.79 -6.51
N SER A 147 9.04 1.92 -7.58
CA SER A 147 8.99 0.83 -8.56
CA SER A 147 8.97 0.89 -8.62
C SER A 147 10.36 0.63 -9.21
N LEU A 148 11.13 1.70 -9.37
CA LEU A 148 12.49 1.58 -9.90
C LEU A 148 13.39 0.86 -8.91
N GLN A 149 13.16 1.05 -7.61
CA GLN A 149 13.92 0.30 -6.61
C GLN A 149 13.62 -1.20 -6.68
N PHE A 150 12.40 -1.58 -7.03
CA PHE A 150 12.08 -2.98 -7.24
C PHE A 150 12.95 -3.55 -8.37
N VAL A 151 13.20 -2.78 -9.43
CA VAL A 151 14.06 -3.25 -10.52
C VAL A 151 15.50 -3.38 -10.02
N ARG A 152 16.00 -2.36 -9.33
CA ARG A 152 17.36 -2.41 -8.77
C ARG A 152 17.58 -3.66 -7.92
N LEU A 153 16.59 -3.97 -7.07
CA LEU A 153 16.66 -5.08 -6.13
C LEU A 153 16.31 -6.43 -6.71
N GLN A 154 15.65 -6.43 -7.87
CA GLN A 154 14.99 -7.62 -8.38
C GLN A 154 14.14 -8.25 -7.28
N LEU A 155 13.24 -7.43 -6.73
CA LEU A 155 12.34 -7.86 -5.66
C LEU A 155 11.59 -9.12 -6.10
N THR A 156 11.50 -10.10 -5.20
CA THR A 156 10.75 -11.30 -5.53
C THR A 156 9.30 -11.21 -5.07
N PHE A 157 8.42 -12.03 -5.63
CA PHE A 157 7.03 -12.07 -5.24
C PHE A 157 6.86 -12.43 -3.76
N GLU A 158 7.67 -13.36 -3.27
CA GLU A 158 7.61 -13.75 -1.86
C GLU A 158 8.04 -12.60 -0.94
N GLU A 159 9.11 -11.90 -1.29
CA GLU A 159 9.47 -10.68 -0.55
C GLU A 159 8.33 -9.66 -0.57
N TYR A 160 7.76 -9.43 -1.74
CA TYR A 160 6.62 -8.55 -1.86
C TYR A 160 5.46 -8.92 -0.97
N THR A 161 5.04 -10.17 -0.95
CA THR A 161 3.87 -10.52 -0.17
C THR A 161 4.12 -10.31 1.34
N ILE A 162 5.31 -10.67 1.83
CA ILE A 162 5.60 -10.48 3.26
CA ILE A 162 5.59 -10.49 3.26
C ILE A 162 5.69 -8.99 3.59
N MET A 163 6.38 -8.24 2.73
CA MET A 163 6.54 -6.80 2.95
C MET A 163 5.18 -6.12 2.97
N LYS A 164 4.22 -6.56 2.14
CA LYS A 164 2.90 -5.93 2.15
C LYS A 164 2.20 -6.12 3.50
N VAL A 165 2.37 -7.28 4.14
CA VAL A 165 1.83 -7.47 5.46
C VAL A 165 2.53 -6.54 6.46
N LEU A 166 3.85 -6.37 6.33
CA LEU A 166 4.54 -5.43 7.23
C LEU A 166 3.99 -4.01 7.05
N LEU A 167 3.59 -3.64 5.83
CA LEU A 167 2.94 -2.32 5.64
C LEU A 167 1.58 -2.22 6.34
N LEU A 168 0.78 -3.27 6.32
CA LEU A 168 -0.45 -3.33 7.10
C LEU A 168 -0.20 -3.04 8.58
N LEU A 169 0.99 -3.41 9.05
CA LEU A 169 1.35 -3.34 10.46
C LEU A 169 2.35 -2.20 10.72
N SER A 170 2.42 -1.19 9.85
CA SER A 170 3.48 -0.19 9.91
C SER A 170 3.06 1.14 10.54
N THR A 171 1.76 1.35 10.74
CA THR A 171 1.26 2.60 11.30
C THR A 171 0.17 2.30 12.33
N ILE A 172 0.31 2.84 13.53
CA ILE A 172 -0.62 2.55 14.62
C ILE A 172 -1.17 3.82 15.26
N PRO A 173 -2.31 3.72 15.93
CA PRO A 173 -2.79 4.84 16.74
C PRO A 173 -1.77 5.19 17.81
N LYS A 174 -1.58 6.47 18.08
CA LYS A 174 -0.64 6.91 19.07
C LYS A 174 -1.18 6.71 20.48
N ASP A 175 -2.50 6.56 20.64
CA ASP A 175 -3.13 6.32 21.92
C ASP A 175 -3.54 4.87 22.15
N GLY A 176 -3.06 3.95 21.30
CA GLY A 176 -3.08 2.53 21.63
C GLY A 176 -4.05 1.68 20.86
N LEU A 177 -3.55 0.54 20.41
CA LEU A 177 -4.42 -0.53 19.95
C LEU A 177 -5.08 -1.20 21.16
N LYS A 178 -6.16 -1.92 20.91
CA LYS A 178 -6.84 -2.68 21.94
C LYS A 178 -5.92 -3.73 22.55
N SER A 179 -5.16 -4.44 21.71
CA SER A 179 -4.17 -5.40 22.20
C SER A 179 -2.79 -5.14 21.64
N GLN A 180 -1.99 -4.45 22.43
CA GLN A 180 -0.58 -4.29 22.09
C GLN A 180 0.12 -5.62 21.90
N ALA A 181 -0.13 -6.54 22.83
CA ALA A 181 0.54 -7.85 22.76
C ALA A 181 0.23 -8.62 21.48
N ALA A 182 -1.04 -8.67 21.07
CA ALA A 182 -1.36 -9.43 19.85
C ALA A 182 -0.74 -8.78 18.62
N PHE A 183 -0.77 -7.46 18.58
CA PHE A 183 -0.12 -6.72 17.48
C PHE A 183 1.39 -6.99 17.41
N GLU A 184 2.06 -6.88 18.55
CA GLU A 184 3.51 -7.03 18.55
C GLU A 184 3.88 -8.47 18.16
N GLU A 185 3.07 -9.44 18.58
CA GLU A 185 3.33 -10.83 18.21
C GLU A 185 3.26 -11.00 16.70
N MET A 186 2.19 -10.50 16.08
CA MET A 186 2.02 -10.64 14.64
C MET A 186 3.13 -9.91 13.88
N ARG A 187 3.42 -8.67 14.27
CA ARG A 187 4.46 -7.94 13.58
C ARG A 187 5.83 -8.61 13.71
N THR A 188 6.18 -9.05 14.92
CA THR A 188 7.42 -9.82 15.12
C THR A 188 7.46 -11.05 14.24
N ASN A 189 6.35 -11.79 14.17
CA ASN A 189 6.33 -12.99 13.34
C ASN A 189 6.60 -12.68 11.87
N TYR A 190 6.01 -11.61 11.34
CA TYR A 190 6.23 -11.31 9.93
C TYR A 190 7.63 -10.71 9.65
N ILE A 191 8.16 -9.96 10.61
CA ILE A 191 9.57 -9.53 10.48
C ILE A 191 10.50 -10.77 10.41
N LYS A 192 10.26 -11.73 11.30
CA LYS A 192 11.03 -12.99 11.29
C LYS A 192 10.85 -13.76 9.97
N GLU A 193 9.63 -13.79 9.44
CA GLU A 193 9.43 -14.44 8.14
C GLU A 193 10.28 -13.81 7.07
N LEU A 194 10.36 -12.49 7.05
CA LEU A 194 11.14 -11.82 6.01
C LEU A 194 12.64 -12.10 6.24
N ARG A 195 13.08 -11.97 7.49
CA ARG A 195 14.50 -12.18 7.82
C ARG A 195 14.93 -13.60 7.48
N LYS A 196 14.12 -14.59 7.85
CA LYS A 196 14.46 -15.97 7.55
C LYS A 196 14.48 -16.20 6.05
N MET A 197 13.47 -15.74 5.35
CA MET A 197 13.46 -15.94 3.93
C MET A 197 14.67 -15.37 3.21
N VAL A 198 14.99 -14.11 3.49
CA VAL A 198 16.10 -13.43 2.84
C VAL A 198 17.45 -14.06 3.18
N THR A 199 17.66 -14.35 4.47
CA THR A 199 18.95 -14.88 4.91
C THR A 199 19.18 -16.32 4.57
N LYS A 200 18.12 -17.09 4.30
CA LYS A 200 18.27 -18.50 3.91
C LYS A 200 18.27 -18.70 2.41
N CYS A 201 17.97 -17.67 1.62
CA CYS A 201 17.88 -17.86 0.17
C CYS A 201 19.28 -17.95 -0.46
N PRO A 202 19.55 -19.00 -1.25
CA PRO A 202 20.88 -19.11 -1.85
C PRO A 202 21.21 -18.04 -2.87
N ASN A 203 20.19 -17.35 -3.39
CA ASN A 203 20.44 -16.25 -4.31
CA ASN A 203 20.44 -16.24 -4.29
C ASN A 203 21.08 -15.04 -3.60
N ASN A 204 21.00 -15.00 -2.27
CA ASN A 204 21.51 -13.85 -1.50
C ASN A 204 22.80 -14.12 -0.74
N SER A 205 23.38 -15.29 -0.94
CA SER A 205 24.55 -15.71 -0.16
C SER A 205 25.67 -14.68 -0.16
N GLY A 206 26.19 -14.41 1.03
CA GLY A 206 27.25 -13.44 1.22
C GLY A 206 26.79 -12.00 1.41
N GLN A 207 25.52 -11.73 1.09
CA GLN A 207 24.97 -10.36 1.10
C GLN A 207 23.59 -10.29 1.71
N SER A 208 23.12 -11.33 2.40
CA SER A 208 21.72 -11.41 2.76
C SER A 208 21.29 -10.40 3.81
N TRP A 209 22.12 -10.12 4.79
CA TRP A 209 21.76 -9.11 5.80
C TRP A 209 21.73 -7.70 5.18
N GLN A 210 22.64 -7.43 4.27
CA GLN A 210 22.64 -6.17 3.51
C GLN A 210 21.33 -6.04 2.75
N ARG A 211 20.86 -7.13 2.14
CA ARG A 211 19.63 -7.07 1.37
C ARG A 211 18.48 -6.85 2.34
N PHE A 212 18.43 -7.56 3.46
CA PHE A 212 17.37 -7.37 4.44
C PHE A 212 17.29 -5.91 4.87
N TYR A 213 18.42 -5.26 5.10
CA TYR A 213 18.35 -3.87 5.54
CA TYR A 213 18.51 -3.83 5.48
C TYR A 213 17.93 -2.95 4.38
N GLN A 214 18.26 -3.26 3.14
CA GLN A 214 17.73 -2.49 2.01
C GLN A 214 16.21 -2.63 1.93
N LEU A 215 15.69 -3.82 2.20
CA LEU A 215 14.21 -4.00 2.15
C LEU A 215 13.51 -3.25 3.27
N THR A 216 14.07 -3.25 4.46
CA THR A 216 13.49 -2.53 5.59
C THR A 216 13.63 -1.02 5.43
N LYS A 217 14.71 -0.55 4.83
CA LYS A 217 14.85 0.86 4.50
C LYS A 217 13.81 1.26 3.45
N LEU A 218 13.56 0.38 2.49
CA LEU A 218 12.53 0.66 1.47
C LEU A 218 11.17 0.77 2.15
N LEU A 219 10.83 -0.15 3.05
CA LEU A 219 9.57 -0.03 3.84
C LEU A 219 9.51 1.31 4.55
N ASP A 220 10.58 1.73 5.19
CA ASP A 220 10.55 3.02 5.91
C ASP A 220 10.27 4.16 4.95
N SER A 221 10.85 4.11 3.74
CA SER A 221 10.68 5.17 2.75
C SER A 221 9.23 5.28 2.28
N MET A 222 8.43 4.24 2.42
CA MET A 222 6.99 4.33 2.08
C MET A 222 6.29 5.36 2.96
N HIS A 223 6.68 5.55 4.21
CA HIS A 223 5.94 6.49 5.07
C HIS A 223 5.96 7.93 4.49
N ASP A 224 7.09 8.40 4.01
CA ASP A 224 7.25 9.72 3.42
CA ASP A 224 7.09 9.79 3.55
C ASP A 224 6.27 9.93 2.25
N LEU A 225 6.33 8.96 1.34
CA LEU A 225 5.53 9.00 0.10
C LEU A 225 4.04 8.92 0.44
N VAL A 226 3.67 7.99 1.27
CA VAL A 226 2.27 7.75 1.63
C VAL A 226 1.69 8.94 2.40
N SER A 227 2.46 9.56 3.28
CA SER A 227 2.00 10.78 3.96
C SER A 227 1.60 11.84 2.93
N ASP A 228 2.45 12.01 1.91
CA ASP A 228 2.20 13.00 0.85
C ASP A 228 0.93 12.65 0.04
N LEU A 229 0.79 11.38 -0.31
CA LEU A 229 -0.39 10.91 -1.04
C LEU A 229 -1.63 11.15 -0.22
N LEU A 230 -1.60 10.81 1.06
CA LEU A 230 -2.74 11.01 1.93
C LEU A 230 -3.11 12.48 2.08
N GLU A 231 -2.10 13.35 2.22
CA GLU A 231 -2.42 14.79 2.36
C GLU A 231 -3.21 15.27 1.16
N PHE A 232 -2.78 14.91 -0.05
CA PHE A 232 -3.51 15.34 -1.25
C PHE A 232 -4.89 14.70 -1.34
N CYS A 233 -5.01 13.44 -0.99
CA CYS A 233 -6.29 12.77 -1.02
C CYS A 233 -7.26 13.35 0.01
N PHE A 234 -6.78 13.71 1.19
CA PHE A 234 -7.62 14.31 2.22
C PHE A 234 -8.13 15.67 1.75
N TYR A 235 -7.28 16.41 1.03
CA TYR A 235 -7.65 17.69 0.45
C TYR A 235 -8.81 17.55 -0.55
N THR A 236 -8.63 16.68 -1.55
CA THR A 236 -9.67 16.53 -2.57
C THR A 236 -10.91 15.90 -1.98
N PHE A 237 -10.79 15.06 -0.96
CA PHE A 237 -11.97 14.56 -0.25
C PHE A 237 -12.75 15.68 0.40
N ARG A 238 -12.09 16.53 1.17
CA ARG A 238 -12.78 17.62 1.86
C ARG A 238 -13.44 18.57 0.89
N GLU A 239 -12.81 18.77 -0.25
CA GLU A 239 -13.28 19.69 -1.28
C GLU A 239 -13.92 18.97 -2.47
N SER A 240 -14.40 17.76 -2.22
CA SER A 240 -14.90 16.87 -3.27
C SER A 240 -15.93 17.54 -4.17
N HIS A 241 -16.95 18.14 -3.57
CA HIS A 241 -18.03 18.69 -4.37
CA HIS A 241 -18.05 18.73 -4.33
C HIS A 241 -17.58 19.96 -5.11
N ALA A 242 -16.76 20.80 -4.48
CA ALA A 242 -16.20 21.99 -5.16
C ALA A 242 -15.29 21.64 -6.31
N LEU A 243 -14.43 20.64 -6.12
CA LEU A 243 -13.47 20.22 -7.11
C LEU A 243 -14.01 19.23 -8.15
N LYS A 244 -15.22 18.70 -7.92
CA LYS A 244 -15.82 17.69 -8.81
C LYS A 244 -14.96 16.42 -8.91
N VAL A 245 -14.40 16.02 -7.77
CA VAL A 245 -13.65 14.77 -7.67
C VAL A 245 -14.52 13.78 -6.88
N GLU A 246 -14.92 12.70 -7.56
CA GLU A 246 -15.82 11.72 -6.97
C GLU A 246 -15.07 10.66 -6.17
N PHE A 247 -15.71 10.19 -5.10
CA PHE A 247 -15.19 9.12 -4.23
C PHE A 247 -16.28 8.07 -4.02
N PRO A 248 -15.94 6.78 -4.12
CA PRO A 248 -16.94 5.73 -3.86
C PRO A 248 -17.13 5.52 -2.38
N ALA A 249 -18.22 4.85 -2.00
CA ALA A 249 -18.55 4.66 -0.60
C ALA A 249 -17.45 3.96 0.19
N MET A 250 -16.73 3.04 -0.41
CA MET A 250 -15.64 2.36 0.31
C MET A 250 -14.60 3.37 0.80
N LEU A 251 -14.22 4.32 -0.06
CA LEU A 251 -13.25 5.35 0.37
C LEU A 251 -13.85 6.34 1.32
N VAL A 252 -15.12 6.69 1.13
CA VAL A 252 -15.78 7.59 2.08
C VAL A 252 -15.75 6.99 3.47
N GLU A 253 -16.00 5.69 3.59
CA GLU A 253 -15.96 5.01 4.90
CA GLU A 253 -15.96 5.02 4.89
C GLU A 253 -14.58 5.13 5.54
N ILE A 254 -13.54 4.79 4.79
CA ILE A 254 -12.18 4.84 5.32
C ILE A 254 -11.79 6.24 5.71
N ILE A 255 -12.00 7.19 4.80
CA ILE A 255 -11.51 8.54 5.04
C ILE A 255 -12.33 9.23 6.13
N SER A 256 -13.65 9.02 6.16
CA SER A 256 -14.45 9.62 7.23
C SER A 256 -14.04 9.13 8.61
N ASP A 257 -13.64 7.87 8.73
CA ASP A 257 -13.18 7.34 10.02
C ASP A 257 -11.77 7.84 10.33
N GLN A 258 -10.91 7.87 9.34
CA GLN A 258 -9.46 8.13 9.53
C GLN A 258 -9.10 9.61 9.68
N LEU A 259 -9.72 10.48 8.89
CA LEU A 259 -9.32 11.89 8.86
C LEU A 259 -9.39 12.56 10.24
N PRO A 260 -10.43 12.30 11.05
CA PRO A 260 -10.45 12.94 12.36
C PRO A 260 -9.28 12.48 13.24
N LYS A 261 -8.87 11.23 13.11
CA LYS A 261 -7.76 10.72 13.89
C LYS A 261 -6.46 11.38 13.45
N VAL A 262 -6.30 11.57 12.14
CA VAL A 262 -5.15 12.29 11.61
C VAL A 262 -5.13 13.76 12.09
N GLU A 263 -6.26 14.45 12.02
CA GLU A 263 -6.32 15.84 12.45
C GLU A 263 -6.04 15.98 13.94
N SER A 264 -6.38 14.95 14.71
CA SER A 264 -6.18 14.97 16.17
CA SER A 264 -6.18 14.96 16.16
C SER A 264 -4.75 14.64 16.56
N GLY A 265 -3.90 14.20 15.62
CA GLY A 265 -2.54 13.87 15.88
C GLY A 265 -2.37 12.44 16.39
N ASN A 266 -3.31 11.56 16.09
CA ASN A 266 -3.31 10.21 16.65
C ASN A 266 -2.74 9.18 15.68
N VAL A 267 -1.58 9.45 15.11
CA VAL A 267 -0.95 8.55 14.11
C VAL A 267 0.53 8.40 14.44
N LYS A 268 0.98 7.15 14.53
CA LYS A 268 2.39 6.86 14.83
C LYS A 268 2.91 5.92 13.76
N PRO A 269 3.71 6.45 12.83
CA PRO A 269 4.42 5.59 11.88
C PRO A 269 5.54 4.83 12.59
N LEU A 270 5.69 3.55 12.29
CA LEU A 270 6.73 2.71 12.86
C LEU A 270 7.83 2.57 11.84
N TYR A 271 9.07 2.82 12.26
CA TYR A 271 10.26 2.73 11.41
C TYR A 271 11.20 1.66 11.91
N PHE A 272 11.81 0.99 10.95
CA PHE A 272 12.91 0.06 11.23
C PHE A 272 14.21 0.75 11.56
N HIS A 273 14.48 1.90 10.94
CA HIS A 273 15.77 2.61 11.08
C HIS A 273 15.67 4.07 11.53
N ARG A 274 14.50 4.54 11.98
CA ARG A 274 14.34 5.89 12.55
C ARG A 274 13.68 5.83 13.93
#